data_3HBJ
#
_entry.id   3HBJ
#
_cell.length_a   85.120
_cell.length_b   77.770
_cell.length_c   70.025
_cell.angle_alpha   90.00
_cell.angle_beta   93.36
_cell.angle_gamma   90.00
#
_symmetry.space_group_name_H-M   'C 1 2 1'
#
loop_
_entity.id
_entity.type
_entity.pdbx_description
1 polymer 'Flavonoid 3-O-glucosyltransferase'
2 non-polymer "URIDINE-5'-DIPHOSPHATE"
3 water water
#
_entity_poly.entity_id   1
_entity_poly.type   'polypeptide(L)'
_entity_poly.pdbx_seq_one_letter_code
;MSTFKNEMNGNNLLHVAVLAFPFGTHAAPLLSLVKKIATEAPKVTFSFFCTTTTNDTLFSRSNEFLPNIKYYNVHDGLPK
GYVSSGNPREPIFLFIKAMQENFKHVIDEAVAETGKNITCLVTDAFFWFGADLAEEMHAKWVPLWTAGPHSLLTHVYTDL
IREKTGSKEVHDVKSIDVLPGFPELKASDLPEGVIKDIDVPFATMLHKMGLELPRANAVAINSFATIHPLIENELNSKFK
LLLNVGPFNLTTPQRKVSDEHGCLEWLDQHENSSVVYISFGSVVTPPPHELTALAESLEECGFPFIWSFRGDPKEKLPKG
FLERTKTKGKIVAWAPQVEILKHSSVGVFLTHSGWNSVLECIVGGVPMISRPFFGDQGLNTILTESVLEIGVGVDNGVLT
KESIKKALELTMSSEKGGIMRQKIVKLKESAFKAVEQNGTSAMDFTTLIQIVTS
;
_entity_poly.pdbx_strand_id   A
#
# COMPACT_ATOMS: atom_id res chain seq x y z
N GLY A 10 13.93 -22.76 11.03
CA GLY A 10 15.11 -23.07 10.18
C GLY A 10 16.39 -23.18 10.99
N ASN A 11 17.49 -23.51 10.30
CA ASN A 11 18.79 -23.67 10.95
C ASN A 11 19.69 -22.44 10.82
N ASN A 12 20.78 -22.46 11.58
CA ASN A 12 21.75 -21.38 11.60
C ASN A 12 22.57 -21.24 10.32
N LEU A 13 22.22 -22.01 9.29
CA LEU A 13 22.96 -21.93 8.03
C LEU A 13 22.11 -21.20 6.98
N LEU A 14 20.84 -20.98 7.29
CA LEU A 14 19.94 -20.29 6.38
C LEU A 14 20.12 -18.78 6.46
N HIS A 15 20.07 -18.13 5.30
CA HIS A 15 20.27 -16.69 5.23
C HIS A 15 19.24 -16.13 4.25
N VAL A 16 18.33 -15.33 4.77
CA VAL A 16 17.29 -14.71 3.98
C VAL A 16 17.55 -13.23 3.60
N ALA A 17 17.61 -12.96 2.30
CA ALA A 17 17.85 -11.60 1.84
C ALA A 17 16.51 -10.96 1.50
N VAL A 18 16.24 -9.81 2.14
CA VAL A 18 14.99 -9.08 1.95
C VAL A 18 15.20 -7.75 1.20
N LEU A 19 14.69 -7.68 -0.04
CA LEU A 19 14.83 -6.46 -0.85
C LEU A 19 13.53 -5.64 -0.86
N ALA A 20 13.60 -4.45 -0.28
CA ALA A 20 12.44 -3.57 -0.16
C ALA A 20 12.48 -2.36 -1.11
N PHE A 21 11.31 -1.88 -1.51
CA PHE A 21 11.21 -0.75 -2.42
C PHE A 21 11.19 0.51 -1.54
N PRO A 22 12.10 1.47 -1.79
CA PRO A 22 12.23 2.73 -1.01
C PRO A 22 11.12 3.75 -1.03
N PHE A 23 10.24 3.68 -2.02
CA PHE A 23 9.19 4.66 -2.18
C PHE A 23 7.78 4.22 -1.81
N GLY A 24 7.01 5.16 -1.28
CA GLY A 24 5.65 4.88 -0.87
C GLY A 24 5.62 3.94 0.33
N THR A 25 4.45 3.37 0.59
CA THR A 25 4.32 2.46 1.72
C THR A 25 4.58 1.06 1.20
N HIS A 26 5.86 0.78 0.99
CA HIS A 26 6.30 -0.50 0.47
C HIS A 26 7.27 -1.19 1.41
N ALA A 27 8.27 -0.45 1.87
CA ALA A 27 9.30 -1.00 2.74
C ALA A 27 8.80 -1.40 4.12
N ALA A 28 7.95 -0.57 4.73
CA ALA A 28 7.43 -0.85 6.07
C ALA A 28 6.55 -2.12 6.09
N PRO A 29 5.65 -2.28 5.12
CA PRO A 29 4.81 -3.49 5.12
C PRO A 29 5.72 -4.72 4.98
N LEU A 30 6.72 -4.66 4.10
CA LEU A 30 7.61 -5.78 3.92
C LEU A 30 8.37 -6.11 5.21
N LEU A 31 8.96 -5.09 5.83
CA LEU A 31 9.69 -5.27 7.09
C LEU A 31 8.76 -5.90 8.14
N SER A 32 7.50 -5.50 8.14
CA SER A 32 6.55 -6.07 9.10
C SER A 32 6.42 -7.58 8.91
N LEU A 33 6.29 -8.01 7.66
CA LEU A 33 6.17 -9.40 7.30
C LEU A 33 7.43 -10.12 7.77
N VAL A 34 8.58 -9.51 7.51
CA VAL A 34 9.86 -10.08 7.91
C VAL A 34 9.99 -10.24 9.41
N LYS A 35 9.54 -9.25 10.18
CA LYS A 35 9.60 -9.33 11.65
C LYS A 35 8.77 -10.51 12.20
N LYS A 36 7.62 -10.76 11.60
CA LYS A 36 6.78 -11.87 12.02
C LYS A 36 7.55 -13.19 11.79
N ILE A 37 8.23 -13.28 10.65
CA ILE A 37 8.96 -14.49 10.32
C ILE A 37 10.20 -14.70 11.18
N ALA A 38 10.95 -13.62 11.42
CA ALA A 38 12.15 -13.71 12.22
C ALA A 38 11.86 -14.12 13.67
N THR A 39 10.68 -13.74 14.18
CA THR A 39 10.32 -14.09 15.56
C THR A 39 10.09 -15.60 15.65
N GLU A 40 9.54 -16.17 14.59
CA GLU A 40 9.27 -17.60 14.53
C GLU A 40 10.52 -18.40 14.21
N ALA A 41 11.53 -17.73 13.65
CA ALA A 41 12.76 -18.43 13.28
C ALA A 41 14.02 -17.68 13.71
N PRO A 42 14.28 -17.66 15.02
CA PRO A 42 15.43 -17.01 15.64
C PRO A 42 16.81 -17.46 15.18
N LYS A 43 16.93 -18.68 14.68
CA LYS A 43 18.23 -19.15 14.23
C LYS A 43 18.50 -18.78 12.78
N VAL A 44 17.47 -18.28 12.10
CA VAL A 44 17.64 -17.89 10.70
C VAL A 44 18.08 -16.42 10.61
N THR A 45 19.05 -16.14 9.74
CA THR A 45 19.54 -14.77 9.55
C THR A 45 18.75 -14.04 8.46
N PHE A 46 18.27 -12.85 8.80
CA PHE A 46 17.51 -12.00 7.90
C PHE A 46 18.27 -10.71 7.59
N SER A 47 18.57 -10.48 6.31
CA SER A 47 19.28 -9.29 5.88
C SER A 47 18.33 -8.43 5.08
N PHE A 48 18.08 -7.23 5.59
CA PHE A 48 17.14 -6.28 5.00
C PHE A 48 17.83 -5.18 4.19
N PHE A 49 17.60 -5.16 2.89
CA PHE A 49 18.22 -4.17 2.03
C PHE A 49 17.26 -3.10 1.52
N CYS A 50 17.66 -1.84 1.68
CA CYS A 50 16.89 -0.70 1.18
C CYS A 50 17.80 0.54 1.18
N THR A 51 17.30 1.68 0.72
CA THR A 51 18.14 2.89 0.69
C THR A 51 18.40 3.41 2.10
N THR A 52 19.50 4.12 2.27
CA THR A 52 19.90 4.68 3.56
C THR A 52 18.77 5.50 4.20
N THR A 53 18.17 6.37 3.40
CA THR A 53 17.08 7.19 3.92
C THR A 53 15.88 6.34 4.36
N THR A 54 15.52 5.30 3.62
CA THR A 54 14.37 4.49 4.05
C THR A 54 14.77 3.67 5.27
N ASN A 55 15.98 3.14 5.27
CA ASN A 55 16.39 2.36 6.44
C ASN A 55 16.41 3.21 7.71
N ASP A 56 16.91 4.44 7.58
CA ASP A 56 16.96 5.35 8.71
C ASP A 56 15.60 5.52 9.34
N THR A 57 14.57 5.67 8.52
CA THR A 57 13.23 5.84 9.05
C THR A 57 12.67 4.55 9.67
N LEU A 58 12.98 3.43 9.04
CA LEU A 58 12.50 2.12 9.49
C LEU A 58 13.18 1.55 10.72
N PHE A 59 14.49 1.73 10.82
CA PHE A 59 15.21 1.16 11.94
C PHE A 59 15.64 2.10 13.05
N SER A 60 14.87 3.15 13.30
CA SER A 60 15.19 4.08 14.36
C SER A 60 14.54 3.59 15.64
N ARG A 61 13.56 2.69 15.47
CA ARG A 61 12.81 2.09 16.56
C ARG A 61 13.74 1.46 17.60
N SER A 62 13.42 1.68 18.88
CA SER A 62 14.21 1.17 19.99
C SER A 62 14.42 -0.35 20.00
N ASN A 63 14.09 -0.98 21.13
CA ASN A 63 14.24 -2.42 21.30
C ASN A 63 13.60 -3.26 20.19
N GLU A 64 13.05 -2.60 19.19
CA GLU A 64 12.42 -3.29 18.07
C GLU A 64 13.51 -4.06 17.35
N PHE A 65 14.69 -4.07 17.97
CA PHE A 65 15.87 -4.75 17.48
C PHE A 65 15.76 -6.28 17.51
N LEU A 66 15.01 -6.89 16.59
CA LEU A 66 14.98 -8.35 16.60
C LEU A 66 16.43 -8.66 16.25
N PRO A 67 17.13 -9.40 17.11
CA PRO A 67 18.54 -9.75 16.91
C PRO A 67 18.94 -10.40 15.58
N ASN A 68 18.06 -11.21 15.01
CA ASN A 68 18.39 -11.88 13.76
C ASN A 68 18.02 -11.07 12.52
N ILE A 69 17.80 -9.77 12.68
CA ILE A 69 17.51 -8.92 11.53
C ILE A 69 18.53 -7.80 11.46
N LYS A 70 19.19 -7.68 10.33
CA LYS A 70 20.17 -6.64 10.14
C LYS A 70 19.88 -5.89 8.85
N TYR A 71 20.00 -4.57 8.88
CA TYR A 71 19.73 -3.79 7.68
C TYR A 71 21.04 -3.42 6.98
N TYR A 72 20.94 -3.23 5.67
CA TYR A 72 22.07 -2.87 4.84
C TYR A 72 21.59 -1.79 3.90
N ASN A 73 22.40 -0.74 3.75
CA ASN A 73 22.06 0.36 2.86
C ASN A 73 22.45 0.03 1.43
N VAL A 74 21.56 0.36 0.52
CA VAL A 74 21.81 0.13 -0.90
C VAL A 74 21.84 1.51 -1.57
N HIS A 75 22.73 1.69 -2.54
CA HIS A 75 22.88 2.95 -3.26
C HIS A 75 21.53 3.39 -3.85
N ASP A 76 21.21 4.69 -3.74
CA ASP A 76 19.94 5.18 -4.24
C ASP A 76 19.92 5.53 -5.74
N GLY A 77 20.99 5.24 -6.44
CA GLY A 77 21.09 5.54 -7.85
C GLY A 77 21.34 7.00 -8.24
N LEU A 78 21.33 7.90 -7.27
CA LEU A 78 21.54 9.31 -7.58
C LEU A 78 23.00 9.65 -7.82
N PRO A 79 23.29 10.33 -8.93
CA PRO A 79 24.68 10.68 -9.23
C PRO A 79 25.25 11.63 -8.19
N LYS A 80 26.56 11.77 -8.20
CA LYS A 80 27.26 12.64 -7.28
C LYS A 80 26.83 14.09 -7.49
N GLY A 81 26.56 14.80 -6.40
CA GLY A 81 26.17 16.19 -6.51
C GLY A 81 24.71 16.41 -6.89
N TYR A 82 24.04 15.38 -7.37
CA TYR A 82 22.64 15.50 -7.78
C TYR A 82 21.84 16.40 -6.87
N VAL A 83 20.92 17.16 -7.46
CA VAL A 83 20.05 18.05 -6.68
C VAL A 83 18.61 17.99 -7.21
N SER A 84 17.68 17.87 -6.27
CA SER A 84 16.25 17.78 -6.54
C SER A 84 15.78 17.88 -8.00
N SER A 85 15.95 19.05 -8.59
CA SER A 85 15.51 19.29 -9.96
C SER A 85 13.97 19.33 -9.95
N GLY A 86 13.36 19.08 -11.10
CA GLY A 86 11.91 19.12 -11.17
C GLY A 86 11.19 17.91 -10.57
N ASN A 87 10.35 17.30 -11.39
CA ASN A 87 9.55 16.13 -11.03
C ASN A 87 10.10 15.24 -9.91
N PRO A 88 9.22 14.81 -8.99
CA PRO A 88 9.60 13.95 -7.87
C PRO A 88 9.80 12.51 -8.34
N ARG A 89 9.53 12.27 -9.62
CA ARG A 89 9.67 10.95 -10.21
C ARG A 89 11.14 10.70 -10.55
N GLU A 90 11.90 11.77 -10.70
CA GLU A 90 13.30 11.63 -11.07
C GLU A 90 14.12 10.70 -10.16
N PRO A 91 14.01 10.84 -8.84
CA PRO A 91 14.82 9.91 -8.03
C PRO A 91 14.31 8.46 -8.08
N ILE A 92 13.03 8.29 -8.34
CA ILE A 92 12.46 6.95 -8.44
C ILE A 92 12.98 6.31 -9.73
N PHE A 93 13.01 7.07 -10.81
CA PHE A 93 13.52 6.54 -12.08
C PHE A 93 15.01 6.24 -12.00
N LEU A 94 15.76 7.07 -11.27
CA LEU A 94 17.19 6.84 -11.14
C LEU A 94 17.45 5.59 -10.28
N PHE A 95 16.66 5.41 -9.23
CA PHE A 95 16.81 4.23 -8.39
C PHE A 95 16.57 2.97 -9.22
N ILE A 96 15.42 2.93 -9.89
CA ILE A 96 15.02 1.77 -10.72
C ILE A 96 16.08 1.41 -11.75
N LYS A 97 16.69 2.44 -12.36
CA LYS A 97 17.71 2.22 -13.37
C LYS A 97 18.97 1.53 -12.88
N ALA A 98 19.30 1.68 -11.60
CA ALA A 98 20.53 1.04 -11.12
C ALA A 98 20.31 0.07 -9.97
N MET A 99 19.06 -0.18 -9.64
CA MET A 99 18.74 -1.03 -8.52
C MET A 99 19.25 -2.45 -8.57
N GLN A 100 19.23 -3.09 -9.73
CA GLN A 100 19.66 -4.47 -9.76
C GLN A 100 21.12 -4.65 -9.37
N GLU A 101 22.00 -3.84 -9.93
CA GLU A 101 23.40 -4.00 -9.57
C GLU A 101 23.71 -3.46 -8.19
N ASN A 102 22.99 -2.42 -7.78
CA ASN A 102 23.25 -1.85 -6.48
C ASN A 102 22.78 -2.80 -5.39
N PHE A 103 21.68 -3.51 -5.63
CA PHE A 103 21.23 -4.49 -4.67
C PHE A 103 22.25 -5.63 -4.61
N LYS A 104 22.65 -6.11 -5.78
CA LYS A 104 23.59 -7.22 -5.84
C LYS A 104 24.92 -6.91 -5.12
N HIS A 105 25.45 -5.72 -5.34
CA HIS A 105 26.69 -5.34 -4.68
C HIS A 105 26.58 -5.47 -3.16
N VAL A 106 25.49 -4.96 -2.57
CA VAL A 106 25.33 -5.02 -1.13
C VAL A 106 24.96 -6.42 -0.62
N ILE A 107 24.19 -7.16 -1.42
CA ILE A 107 23.85 -8.53 -1.07
C ILE A 107 25.16 -9.32 -0.94
N ASP A 108 26.09 -9.07 -1.87
CA ASP A 108 27.39 -9.71 -1.86
C ASP A 108 28.17 -9.45 -0.58
N GLU A 109 28.11 -8.21 -0.08
CA GLU A 109 28.79 -7.87 1.18
C GLU A 109 28.18 -8.64 2.35
N ALA A 110 26.85 -8.76 2.35
CA ALA A 110 26.18 -9.48 3.44
C ALA A 110 26.54 -10.96 3.43
N VAL A 111 26.75 -11.54 2.25
CA VAL A 111 27.13 -12.95 2.18
C VAL A 111 28.56 -13.16 2.68
N ALA A 112 29.47 -12.27 2.29
CA ALA A 112 30.84 -12.41 2.72
C ALA A 112 30.92 -12.21 4.24
N GLU A 113 30.16 -11.26 4.76
CA GLU A 113 30.18 -10.97 6.20
C GLU A 113 29.59 -12.05 7.09
N THR A 114 28.49 -12.65 6.67
CA THR A 114 27.86 -13.69 7.47
C THR A 114 28.54 -15.05 7.22
N GLY A 115 29.11 -15.20 6.03
CA GLY A 115 29.75 -16.44 5.66
C GLY A 115 28.68 -17.44 5.21
N LYS A 116 27.47 -16.93 5.02
CA LYS A 116 26.32 -17.74 4.62
C LYS A 116 25.74 -17.28 3.31
N ASN A 117 25.70 -18.19 2.33
CA ASN A 117 25.12 -17.88 1.03
C ASN A 117 23.62 -17.68 1.25
N ILE A 118 23.02 -16.87 0.39
CA ILE A 118 21.60 -16.60 0.47
C ILE A 118 20.79 -17.86 0.12
N THR A 119 19.87 -18.23 1.00
CA THR A 119 19.02 -19.40 0.77
C THR A 119 17.63 -19.00 0.30
N CYS A 120 17.20 -17.79 0.61
CA CYS A 120 15.89 -17.32 0.15
C CYS A 120 15.88 -15.81 -0.03
N LEU A 121 15.38 -15.37 -1.18
CA LEU A 121 15.30 -13.97 -1.52
C LEU A 121 13.83 -13.53 -1.47
N VAL A 122 13.48 -12.77 -0.43
CA VAL A 122 12.13 -12.26 -0.28
C VAL A 122 12.23 -10.85 -0.86
N THR A 123 11.34 -10.52 -1.80
CA THR A 123 11.40 -9.18 -2.39
C THR A 123 10.03 -8.56 -2.56
N ASP A 124 10.04 -7.23 -2.73
CA ASP A 124 8.80 -6.54 -3.04
C ASP A 124 8.54 -7.13 -4.45
N ALA A 125 7.28 -7.36 -4.80
CA ALA A 125 6.98 -7.91 -6.13
C ALA A 125 7.56 -7.05 -7.27
N PHE A 126 7.68 -5.73 -7.05
CA PHE A 126 8.24 -4.83 -8.08
C PHE A 126 9.58 -5.31 -8.59
N PHE A 127 10.33 -6.00 -7.75
CA PHE A 127 11.64 -6.45 -8.16
C PHE A 127 11.58 -7.74 -9.00
N TRP A 128 11.26 -7.53 -10.27
CA TRP A 128 11.12 -8.61 -11.23
C TRP A 128 12.39 -9.44 -11.34
N PHE A 129 13.53 -8.79 -11.13
CA PHE A 129 14.83 -9.45 -11.22
C PHE A 129 15.10 -10.44 -10.09
N GLY A 130 14.18 -10.57 -9.14
CA GLY A 130 14.41 -11.53 -8.06
C GLY A 130 14.63 -12.96 -8.57
N ALA A 131 13.94 -13.35 -9.63
CA ALA A 131 14.13 -14.72 -10.15
C ALA A 131 15.56 -14.94 -10.62
N ASP A 132 16.06 -13.97 -11.37
CA ASP A 132 17.42 -14.07 -11.89
C ASP A 132 18.42 -14.12 -10.76
N LEU A 133 18.22 -13.25 -9.77
CA LEU A 133 19.11 -13.18 -8.62
C LEU A 133 19.07 -14.49 -7.83
N ALA A 134 17.87 -14.98 -7.53
CA ALA A 134 17.71 -16.26 -6.82
C ALA A 134 18.39 -17.35 -7.62
N GLU A 135 18.24 -17.30 -8.94
CA GLU A 135 18.84 -18.29 -9.80
C GLU A 135 20.35 -18.35 -9.61
N GLU A 136 21.00 -17.20 -9.69
CA GLU A 136 22.44 -17.13 -9.53
C GLU A 136 22.98 -17.72 -8.23
N MET A 137 22.27 -17.45 -7.14
CA MET A 137 22.69 -17.92 -5.83
C MET A 137 22.11 -19.29 -5.44
N HIS A 138 21.41 -19.93 -6.37
CA HIS A 138 20.80 -21.22 -6.08
C HIS A 138 19.88 -21.07 -4.88
N ALA A 139 19.12 -19.98 -4.85
CA ALA A 139 18.22 -19.71 -3.74
C ALA A 139 16.77 -19.66 -4.20
N LYS A 140 15.85 -19.60 -3.24
CA LYS A 140 14.44 -19.50 -3.57
C LYS A 140 14.09 -18.02 -3.73
N TRP A 141 13.00 -17.76 -4.46
CA TRP A 141 12.53 -16.41 -4.64
C TRP A 141 11.07 -16.36 -4.18
N VAL A 142 10.78 -15.43 -3.27
CA VAL A 142 9.43 -15.23 -2.76
C VAL A 142 9.06 -13.75 -2.80
N PRO A 143 8.44 -13.31 -3.89
CA PRO A 143 8.08 -11.90 -3.93
C PRO A 143 6.75 -11.63 -3.22
N LEU A 144 6.64 -10.41 -2.69
CA LEU A 144 5.44 -9.97 -2.00
C LEU A 144 4.82 -8.77 -2.74
N TRP A 145 3.60 -8.96 -3.22
CA TRP A 145 2.88 -7.84 -3.86
C TRP A 145 2.22 -7.19 -2.65
N THR A 146 2.54 -5.92 -2.43
CA THR A 146 2.07 -5.16 -1.29
C THR A 146 0.71 -4.51 -1.50
N ALA A 147 0.15 -4.64 -2.70
CA ALA A 147 -1.15 -4.05 -2.98
C ALA A 147 -2.24 -5.12 -3.17
N GLY A 148 -3.30 -4.75 -3.88
CA GLY A 148 -4.43 -5.65 -4.10
C GLY A 148 -4.33 -6.71 -5.21
N PRO A 149 -5.20 -7.73 -5.16
CA PRO A 149 -5.15 -8.78 -6.19
C PRO A 149 -5.51 -8.31 -7.60
N HIS A 150 -6.49 -7.40 -7.69
CA HIS A 150 -6.94 -6.88 -8.96
C HIS A 150 -5.85 -6.10 -9.71
N SER A 151 -5.00 -5.39 -8.98
CA SER A 151 -3.93 -4.66 -9.66
C SER A 151 -2.81 -5.63 -10.00
N LEU A 152 -2.54 -6.60 -9.14
CA LEU A 152 -1.48 -7.55 -9.47
C LEU A 152 -1.81 -8.22 -10.81
N LEU A 153 -3.04 -8.72 -10.90
CA LEU A 153 -3.47 -9.40 -12.11
C LEU A 153 -3.50 -8.46 -13.32
N THR A 154 -3.79 -7.19 -13.08
CA THR A 154 -3.77 -6.23 -14.20
C THR A 154 -2.38 -6.23 -14.82
N HIS A 155 -1.35 -6.25 -13.98
CA HIS A 155 0.00 -6.24 -14.50
C HIS A 155 0.34 -7.57 -15.17
N VAL A 156 -0.14 -8.69 -14.62
CA VAL A 156 0.13 -9.96 -15.27
C VAL A 156 -0.53 -9.96 -16.65
N TYR A 157 -1.61 -9.21 -16.78
CA TYR A 157 -2.35 -9.13 -18.03
C TYR A 157 -1.91 -7.97 -18.95
N THR A 158 -0.79 -7.34 -18.68
CA THR A 158 -0.33 -6.21 -19.49
C THR A 158 -0.35 -6.40 -21.02
N ASP A 159 0.18 -7.51 -21.50
CA ASP A 159 0.20 -7.75 -22.95
C ASP A 159 -1.20 -7.98 -23.52
N LEU A 160 -2.00 -8.73 -22.77
CA LEU A 160 -3.37 -9.03 -23.15
C LEU A 160 -4.14 -7.72 -23.29
N ILE A 161 -4.02 -6.85 -22.29
CA ILE A 161 -4.69 -5.56 -22.32
C ILE A 161 -4.26 -4.76 -23.55
N ARG A 162 -2.94 -4.61 -23.72
CA ARG A 162 -2.43 -3.88 -24.87
C ARG A 162 -2.92 -4.47 -26.19
N GLU A 163 -2.92 -5.79 -26.29
CA GLU A 163 -3.36 -6.45 -27.51
C GLU A 163 -4.84 -6.24 -27.79
N LYS A 164 -5.61 -5.91 -26.76
CA LYS A 164 -7.03 -5.66 -26.95
C LYS A 164 -7.31 -4.18 -26.71
N THR A 165 -6.32 -3.35 -27.02
CA THR A 165 -6.45 -1.91 -26.84
C THR A 165 -6.05 -1.15 -28.11
N GLY A 166 -6.99 -0.37 -28.64
CA GLY A 166 -6.73 0.42 -29.83
C GLY A 166 -6.82 1.91 -29.56
N SER A 167 -7.00 2.70 -30.61
CA SER A 167 -7.09 4.15 -30.47
C SER A 167 -8.23 4.58 -29.57
N LYS A 168 -9.37 3.93 -29.70
CA LYS A 168 -10.53 4.26 -28.88
C LYS A 168 -10.19 4.17 -27.39
N GLU A 169 -10.01 2.95 -26.92
CA GLU A 169 -9.70 2.70 -25.53
C GLU A 169 -8.53 3.52 -25.00
N VAL A 170 -7.45 3.61 -25.77
CA VAL A 170 -6.29 4.38 -25.33
C VAL A 170 -6.68 5.82 -25.01
N HIS A 171 -7.82 6.26 -25.54
CA HIS A 171 -8.25 7.63 -25.31
C HIS A 171 -9.57 7.80 -24.55
N ASP A 172 -9.90 6.82 -23.72
CA ASP A 172 -11.11 6.86 -22.90
C ASP A 172 -12.44 6.95 -23.66
N VAL A 173 -12.43 6.67 -24.96
CA VAL A 173 -13.66 6.72 -25.72
C VAL A 173 -14.44 5.44 -25.49
N LYS A 174 -13.74 4.31 -25.57
CA LYS A 174 -14.34 3.01 -25.36
C LYS A 174 -13.63 2.30 -24.20
N SER A 175 -14.41 1.64 -23.34
CA SER A 175 -13.84 0.97 -22.19
C SER A 175 -13.37 -0.44 -22.46
N ILE A 176 -12.40 -0.87 -21.67
CA ILE A 176 -11.81 -2.20 -21.80
C ILE A 176 -12.30 -3.19 -20.76
N ASP A 177 -12.52 -4.42 -21.19
CA ASP A 177 -12.95 -5.51 -20.32
C ASP A 177 -11.67 -6.26 -19.96
N VAL A 178 -11.04 -5.89 -18.86
CA VAL A 178 -9.80 -6.52 -18.46
C VAL A 178 -9.88 -7.58 -17.36
N LEU A 179 -10.57 -7.27 -16.26
CA LEU A 179 -10.67 -8.21 -15.14
C LEU A 179 -11.99 -8.93 -14.94
N PRO A 180 -11.91 -10.24 -14.63
CA PRO A 180 -13.08 -11.10 -14.39
C PRO A 180 -13.82 -10.62 -13.16
N GLY A 181 -15.15 -10.61 -13.23
CA GLY A 181 -15.95 -10.14 -12.11
C GLY A 181 -15.53 -8.73 -11.71
N PHE A 182 -15.40 -7.84 -12.67
CA PHE A 182 -14.99 -6.46 -12.39
C PHE A 182 -15.63 -5.54 -13.45
N PRO A 183 -16.00 -4.32 -13.07
CA PRO A 183 -16.61 -3.47 -14.11
C PRO A 183 -15.66 -3.20 -15.28
N GLU A 184 -16.20 -2.64 -16.35
CA GLU A 184 -15.37 -2.33 -17.52
C GLU A 184 -14.66 -1.05 -17.21
N LEU A 185 -13.39 -0.95 -17.61
CA LEU A 185 -12.59 0.22 -17.30
C LEU A 185 -12.14 1.09 -18.47
N LYS A 186 -11.76 2.32 -18.14
CA LYS A 186 -11.24 3.27 -19.11
C LYS A 186 -9.72 3.28 -18.87
N ALA A 187 -8.95 3.64 -19.88
CA ALA A 187 -7.50 3.67 -19.76
C ALA A 187 -7.05 4.59 -18.63
N SER A 188 -7.86 5.60 -18.32
CA SER A 188 -7.49 6.51 -17.26
C SER A 188 -7.62 5.81 -15.89
N ASP A 189 -8.37 4.71 -15.85
CA ASP A 189 -8.55 3.93 -14.63
C ASP A 189 -7.27 3.14 -14.28
N LEU A 190 -6.63 2.60 -15.31
CA LEU A 190 -5.42 1.78 -15.15
C LEU A 190 -4.22 2.53 -14.60
N PRO A 191 -3.33 1.81 -13.87
CA PRO A 191 -2.13 2.41 -13.30
C PRO A 191 -1.24 2.93 -14.45
N GLU A 192 -0.58 4.06 -14.26
CA GLU A 192 0.29 4.55 -15.33
C GLU A 192 1.18 3.40 -15.74
N GLY A 193 1.47 3.27 -17.03
CA GLY A 193 2.35 2.20 -17.47
C GLY A 193 1.77 0.99 -18.15
N VAL A 194 0.53 0.65 -17.84
CA VAL A 194 -0.10 -0.52 -18.47
C VAL A 194 -0.38 -0.27 -19.94
N ILE A 195 -0.94 0.91 -20.22
CA ILE A 195 -1.28 1.29 -21.58
C ILE A 195 -0.69 2.63 -21.95
N LYS A 196 -0.25 3.39 -20.95
CA LYS A 196 0.36 4.70 -21.18
C LYS A 196 1.76 4.79 -20.62
N ASP A 197 2.61 5.57 -21.30
CA ASP A 197 3.99 5.76 -20.88
C ASP A 197 4.61 4.39 -20.64
N ILE A 198 4.21 3.43 -21.45
CA ILE A 198 4.69 2.06 -21.34
C ILE A 198 6.22 1.97 -21.34
N ASP A 199 6.88 3.04 -21.79
CA ASP A 199 8.33 3.03 -21.90
C ASP A 199 9.15 3.49 -20.72
N VAL A 200 8.56 4.24 -19.80
CA VAL A 200 9.30 4.71 -18.63
C VAL A 200 9.69 3.56 -17.69
N PRO A 201 10.82 3.72 -16.98
CA PRO A 201 11.33 2.72 -16.05
C PRO A 201 10.32 2.07 -15.13
N PHE A 202 9.45 2.88 -14.53
CA PHE A 202 8.46 2.31 -13.62
C PHE A 202 7.51 1.36 -14.35
N ALA A 203 7.08 1.76 -15.55
CA ALA A 203 6.16 0.96 -16.35
C ALA A 203 6.81 -0.33 -16.83
N THR A 204 8.10 -0.24 -17.17
CA THR A 204 8.85 -1.38 -17.64
C THR A 204 9.08 -2.36 -16.48
N MET A 205 9.31 -1.80 -15.29
CA MET A 205 9.53 -2.58 -14.09
C MET A 205 8.27 -3.43 -13.78
N LEU A 206 7.10 -2.79 -13.85
CA LEU A 206 5.83 -3.48 -13.59
C LEU A 206 5.51 -4.56 -14.64
N HIS A 207 5.84 -4.29 -15.90
CA HIS A 207 5.56 -5.27 -16.96
C HIS A 207 6.44 -6.51 -16.76
N LYS A 208 7.73 -6.28 -16.55
CA LYS A 208 8.64 -7.38 -16.32
C LYS A 208 8.22 -8.23 -15.12
N MET A 209 7.69 -7.56 -14.11
CA MET A 209 7.22 -8.25 -12.93
C MET A 209 6.10 -9.22 -13.33
N GLY A 210 5.15 -8.74 -14.12
CA GLY A 210 4.06 -9.60 -14.54
C GLY A 210 4.58 -10.85 -15.24
N LEU A 211 5.63 -10.66 -16.03
CA LEU A 211 6.23 -11.75 -16.78
C LEU A 211 7.09 -12.71 -15.96
N GLU A 212 7.74 -12.20 -14.94
CA GLU A 212 8.64 -13.02 -14.14
C GLU A 212 8.03 -13.76 -12.96
N LEU A 213 6.92 -13.24 -12.44
CA LEU A 213 6.29 -13.82 -11.27
C LEU A 213 6.02 -15.30 -11.28
N PRO A 214 5.65 -15.86 -12.45
CA PRO A 214 5.39 -17.32 -12.50
C PRO A 214 6.66 -18.14 -12.19
N ARG A 215 7.83 -17.50 -12.22
CA ARG A 215 9.08 -18.22 -11.93
C ARG A 215 9.32 -18.34 -10.44
N ALA A 216 8.62 -17.55 -9.64
CA ALA A 216 8.82 -17.58 -8.19
C ALA A 216 8.38 -18.86 -7.51
N ASN A 217 9.00 -19.18 -6.38
CA ASN A 217 8.62 -20.36 -5.61
C ASN A 217 7.20 -20.18 -5.12
N ALA A 218 6.91 -18.95 -4.69
CA ALA A 218 5.59 -18.57 -4.22
C ALA A 218 5.47 -17.06 -4.28
N VAL A 219 4.24 -16.62 -4.52
CA VAL A 219 3.90 -15.21 -4.58
C VAL A 219 3.00 -14.89 -3.40
N ALA A 220 3.48 -14.01 -2.52
CA ALA A 220 2.71 -13.63 -1.36
C ALA A 220 2.02 -12.32 -1.69
N ILE A 221 0.95 -11.99 -0.96
CA ILE A 221 0.22 -10.76 -1.21
C ILE A 221 -0.43 -10.26 0.06
N ASN A 222 -0.36 -8.95 0.27
CA ASN A 222 -0.97 -8.40 1.47
C ASN A 222 -2.44 -8.20 1.19
N SER A 223 -3.18 -9.30 1.27
CA SER A 223 -4.61 -9.29 1.04
C SER A 223 -5.24 -10.56 1.64
N PHE A 224 -6.55 -10.68 1.56
CA PHE A 224 -7.20 -11.89 2.07
C PHE A 224 -8.13 -12.40 0.98
N ALA A 225 -8.35 -13.71 0.97
CA ALA A 225 -9.14 -14.38 -0.08
C ALA A 225 -10.53 -13.87 -0.43
N THR A 226 -11.14 -13.16 0.50
CA THR A 226 -12.47 -12.62 0.30
C THR A 226 -12.44 -11.33 -0.53
N ILE A 227 -11.26 -10.72 -0.68
CA ILE A 227 -11.20 -9.47 -1.43
C ILE A 227 -11.70 -9.64 -2.87
N HIS A 228 -11.15 -10.58 -3.61
CA HIS A 228 -11.66 -10.80 -4.95
C HIS A 228 -11.46 -12.22 -5.44
N PRO A 229 -12.44 -13.09 -5.15
CA PRO A 229 -12.42 -14.49 -5.52
C PRO A 229 -11.97 -14.76 -6.96
N LEU A 230 -12.68 -14.21 -7.93
CA LEU A 230 -12.38 -14.46 -9.32
C LEU A 230 -10.98 -14.03 -9.75
N ILE A 231 -10.54 -12.86 -9.30
CA ILE A 231 -9.21 -12.39 -9.65
C ILE A 231 -8.19 -13.36 -9.06
N GLU A 232 -8.38 -13.73 -7.80
CA GLU A 232 -7.47 -14.66 -7.12
C GLU A 232 -7.30 -15.99 -7.82
N ASN A 233 -8.39 -16.50 -8.41
CA ASN A 233 -8.35 -17.78 -9.11
C ASN A 233 -7.42 -17.73 -10.31
N GLU A 234 -7.41 -16.61 -11.01
CA GLU A 234 -6.54 -16.45 -12.18
C GLU A 234 -5.10 -16.43 -11.68
N LEU A 235 -4.86 -15.57 -10.70
CA LEU A 235 -3.53 -15.43 -10.11
C LEU A 235 -3.06 -16.79 -9.64
N ASN A 236 -3.98 -17.53 -9.02
CA ASN A 236 -3.67 -18.84 -8.47
C ASN A 236 -3.24 -19.79 -9.57
N SER A 237 -3.75 -19.58 -10.78
CA SER A 237 -3.41 -20.44 -11.89
C SER A 237 -2.12 -19.98 -12.62
N LYS A 238 -1.77 -18.71 -12.46
CA LYS A 238 -0.58 -18.16 -13.10
C LYS A 238 0.71 -18.46 -12.34
N PHE A 239 0.62 -18.57 -11.01
CA PHE A 239 1.79 -18.81 -10.18
C PHE A 239 1.98 -20.25 -9.69
N LYS A 240 3.18 -20.52 -9.19
CA LYS A 240 3.48 -21.85 -8.65
C LYS A 240 2.70 -22.03 -7.35
N LEU A 241 2.53 -20.91 -6.64
CA LEU A 241 1.81 -20.86 -5.38
C LEU A 241 1.42 -19.41 -5.08
N LEU A 242 0.19 -19.22 -4.61
CA LEU A 242 -0.27 -17.88 -4.24
C LEU A 242 -0.60 -17.97 -2.76
N LEU A 243 -0.06 -17.04 -1.98
CA LEU A 243 -0.30 -17.05 -0.54
C LEU A 243 -0.88 -15.70 -0.10
N ASN A 244 -2.14 -15.71 0.38
CA ASN A 244 -2.81 -14.52 0.90
C ASN A 244 -2.31 -14.42 2.34
N VAL A 245 -1.47 -13.43 2.62
CA VAL A 245 -0.93 -13.30 3.97
C VAL A 245 -1.36 -12.03 4.73
N GLY A 246 -2.38 -11.36 4.20
CA GLY A 246 -2.87 -10.15 4.85
C GLY A 246 -4.24 -10.40 5.48
N PRO A 247 -4.89 -9.33 5.98
CA PRO A 247 -4.33 -7.97 5.96
C PRO A 247 -3.18 -7.88 6.98
N PHE A 248 -2.10 -7.23 6.60
CA PHE A 248 -0.96 -7.10 7.48
C PHE A 248 -1.27 -6.47 8.84
N ASN A 249 -2.23 -5.56 8.88
CA ASN A 249 -2.55 -4.95 10.15
C ASN A 249 -3.08 -6.01 11.12
N LEU A 250 -3.52 -7.16 10.60
CA LEU A 250 -3.99 -8.23 11.49
C LEU A 250 -2.99 -9.38 11.58
N THR A 251 -2.20 -9.59 10.52
CA THR A 251 -1.25 -10.70 10.51
C THR A 251 0.18 -10.43 10.93
N THR A 252 0.59 -9.15 10.98
CA THR A 252 1.96 -8.80 11.37
C THR A 252 2.02 -7.76 12.49
N PRO A 253 3.14 -7.73 13.21
CA PRO A 253 3.38 -6.81 14.33
C PRO A 253 3.53 -5.34 13.92
N GLN A 254 4.65 -4.74 14.33
CA GLN A 254 4.92 -3.34 14.02
C GLN A 254 4.04 -2.45 14.92
N ARG A 255 4.67 -1.73 15.85
CA ARG A 255 3.96 -0.85 16.77
C ARG A 255 3.31 0.34 16.07
N LYS A 256 3.65 1.53 16.54
CA LYS A 256 3.13 2.81 16.00
C LYS A 256 1.86 3.32 16.69
N VAL A 257 1.60 2.85 17.91
CA VAL A 257 0.43 3.29 18.65
C VAL A 257 0.74 4.64 19.30
N SER A 258 1.13 5.61 18.47
CA SER A 258 1.50 6.94 18.91
C SER A 258 0.42 7.99 18.66
N ASP A 259 0.08 8.74 19.72
CA ASP A 259 -0.93 9.78 19.60
C ASP A 259 -0.41 11.06 20.24
N GLU A 260 0.68 11.57 19.70
CA GLU A 260 1.32 12.78 20.17
C GLU A 260 0.33 13.95 20.27
N HIS A 261 -0.84 13.78 19.67
CA HIS A 261 -1.84 14.85 19.69
C HIS A 261 -3.20 14.41 20.22
N GLY A 262 -3.19 13.44 21.13
CA GLY A 262 -4.41 12.95 21.73
C GLY A 262 -5.62 12.84 20.82
N CYS A 263 -5.43 12.27 19.64
CA CYS A 263 -6.53 12.11 18.69
C CYS A 263 -7.59 11.13 19.17
N LEU A 264 -7.16 10.04 19.79
CA LEU A 264 -8.08 9.02 20.28
C LEU A 264 -8.87 9.55 21.48
N GLU A 265 -8.20 10.29 22.36
CA GLU A 265 -8.86 10.87 23.53
C GLU A 265 -9.87 11.87 22.97
N TRP A 266 -9.39 12.72 22.06
CA TRP A 266 -10.20 13.72 21.40
C TRP A 266 -11.36 13.02 20.72
N LEU A 267 -11.10 11.84 20.19
CA LEU A 267 -12.13 11.05 19.53
C LEU A 267 -13.13 10.55 20.55
N ASP A 268 -12.65 10.30 21.76
CA ASP A 268 -13.53 9.83 22.82
C ASP A 268 -14.59 10.88 23.10
N GLN A 269 -14.13 12.13 23.24
CA GLN A 269 -15.01 13.26 23.53
C GLN A 269 -15.86 13.68 22.35
N HIS A 270 -16.18 12.72 21.50
CA HIS A 270 -17.03 12.93 20.33
C HIS A 270 -17.89 11.67 20.32
N GLU A 271 -18.94 11.67 19.51
CA GLU A 271 -19.82 10.50 19.46
C GLU A 271 -19.46 9.54 18.33
N ASN A 272 -20.44 8.75 17.91
CA ASN A 272 -20.23 7.79 16.83
C ASN A 272 -20.28 8.48 15.47
N SER A 273 -19.82 7.75 14.46
CA SER A 273 -19.81 8.20 13.07
C SER A 273 -19.98 9.71 12.91
N SER A 274 -19.13 10.48 13.56
CA SER A 274 -19.25 11.93 13.49
C SER A 274 -17.99 12.64 13.05
N VAL A 275 -16.85 11.98 13.18
CA VAL A 275 -15.61 12.61 12.79
C VAL A 275 -15.21 12.19 11.39
N VAL A 276 -14.50 13.09 10.72
CA VAL A 276 -14.04 12.86 9.36
C VAL A 276 -12.53 12.71 9.40
N TYR A 277 -12.04 11.51 9.12
CA TYR A 277 -10.60 11.32 9.09
C TYR A 277 -10.14 11.63 7.68
N ILE A 278 -9.01 12.35 7.56
CA ILE A 278 -8.47 12.73 6.27
C ILE A 278 -7.00 12.32 6.19
N SER A 279 -6.67 11.57 5.14
CA SER A 279 -5.30 11.13 4.90
C SER A 279 -5.13 10.72 3.45
N PHE A 280 -4.10 11.27 2.80
CA PHE A 280 -3.86 10.95 1.40
C PHE A 280 -2.53 10.24 1.18
N GLY A 281 -2.07 9.54 2.20
CA GLY A 281 -0.83 8.79 2.07
C GLY A 281 0.43 9.44 2.60
N SER A 282 1.52 8.70 2.52
CA SER A 282 2.81 9.14 3.01
C SER A 282 3.54 10.11 2.07
N VAL A 283 2.96 10.38 0.90
CA VAL A 283 3.61 11.24 -0.06
C VAL A 283 2.76 12.35 -0.70
N VAL A 284 1.47 12.13 -0.83
CA VAL A 284 0.58 13.09 -1.46
C VAL A 284 0.14 14.27 -0.60
N THR A 285 -0.28 15.33 -1.30
CA THR A 285 -0.80 16.58 -0.72
C THR A 285 -1.58 17.20 -1.88
N PRO A 286 -2.91 17.23 -1.79
CA PRO A 286 -3.72 17.82 -2.86
C PRO A 286 -3.15 19.12 -3.41
N PRO A 287 -3.44 19.42 -4.69
CA PRO A 287 -2.95 20.66 -5.30
C PRO A 287 -3.56 21.87 -4.60
N PRO A 288 -2.99 23.07 -4.82
CA PRO A 288 -3.48 24.31 -4.21
C PRO A 288 -5.00 24.50 -4.20
N HIS A 289 -5.60 24.46 -5.39
CA HIS A 289 -7.05 24.63 -5.49
C HIS A 289 -7.83 23.59 -4.70
N GLU A 290 -7.19 22.45 -4.44
CA GLU A 290 -7.84 21.38 -3.69
C GLU A 290 -7.83 21.58 -2.19
N LEU A 291 -6.63 21.75 -1.63
CA LEU A 291 -6.50 21.97 -0.20
C LEU A 291 -7.43 23.09 0.23
N THR A 292 -7.30 24.24 -0.43
CA THR A 292 -8.13 25.39 -0.12
C THR A 292 -9.62 25.08 -0.27
N ALA A 293 -9.95 24.19 -1.20
CA ALA A 293 -11.34 23.80 -1.41
C ALA A 293 -11.81 22.90 -0.28
N LEU A 294 -10.88 22.11 0.27
CA LEU A 294 -11.17 21.19 1.38
C LEU A 294 -11.26 21.96 2.69
N ALA A 295 -10.20 22.70 3.02
CA ALA A 295 -10.15 23.47 4.24
C ALA A 295 -11.45 24.24 4.46
N GLU A 296 -11.93 24.88 3.40
CA GLU A 296 -13.17 25.65 3.44
C GLU A 296 -14.36 24.70 3.50
N SER A 297 -14.34 23.67 2.67
CA SER A 297 -15.42 22.70 2.67
C SER A 297 -15.59 22.26 4.12
N LEU A 298 -14.46 22.01 4.78
CA LEU A 298 -14.47 21.59 6.17
C LEU A 298 -15.23 22.56 7.07
N GLU A 299 -14.68 23.76 7.27
CA GLU A 299 -15.36 24.72 8.14
C GLU A 299 -16.54 25.41 7.44
N GLU A 300 -17.52 24.60 7.07
CA GLU A 300 -18.73 25.06 6.39
C GLU A 300 -19.69 23.90 6.44
N CYS A 301 -19.16 22.74 6.84
CA CYS A 301 -19.95 21.53 6.94
C CYS A 301 -20.17 21.19 8.41
N GLY A 302 -19.37 21.82 9.27
CA GLY A 302 -19.49 21.57 10.70
C GLY A 302 -18.82 20.29 11.15
N PHE A 303 -19.10 19.20 10.42
CA PHE A 303 -18.54 17.88 10.71
C PHE A 303 -17.16 17.92 11.35
N PRO A 304 -17.04 17.44 12.60
CA PRO A 304 -15.75 17.43 13.29
C PRO A 304 -14.80 16.56 12.47
N PHE A 305 -13.50 16.79 12.58
CA PHE A 305 -12.57 16.03 11.75
C PHE A 305 -11.11 16.01 12.21
N ILE A 306 -10.38 15.03 11.68
CA ILE A 306 -8.96 14.86 11.95
C ILE A 306 -8.34 14.83 10.56
N TRP A 307 -7.32 15.65 10.34
CA TRP A 307 -6.68 15.72 9.04
C TRP A 307 -5.17 15.55 9.13
N SER A 308 -4.66 14.50 8.51
CA SER A 308 -3.23 14.24 8.49
C SER A 308 -2.70 14.99 7.28
N PHE A 309 -2.19 16.20 7.51
CA PHE A 309 -1.69 17.02 6.42
C PHE A 309 -0.40 16.49 5.81
N ARG A 310 0.73 16.94 6.35
CA ARG A 310 2.03 16.50 5.86
C ARG A 310 3.13 17.38 6.45
N GLY A 311 3.24 17.37 7.78
CA GLY A 311 4.24 18.18 8.45
C GLY A 311 4.00 19.67 8.31
N ASP A 312 4.05 20.15 7.07
CA ASP A 312 3.84 21.56 6.81
C ASP A 312 2.44 22.01 7.20
N PRO A 313 2.34 23.03 8.07
CA PRO A 313 1.05 23.55 8.52
C PRO A 313 0.57 24.71 7.65
N LYS A 314 0.69 25.92 8.19
CA LYS A 314 0.30 27.13 7.48
C LYS A 314 1.05 27.23 6.16
N GLU A 315 2.18 26.51 6.07
CA GLU A 315 3.00 26.51 4.87
C GLU A 315 2.11 26.50 3.62
N LYS A 316 1.09 25.65 3.65
CA LYS A 316 0.13 25.54 2.55
C LYS A 316 -1.25 25.97 3.04
N LEU A 317 -1.59 25.59 4.26
CA LEU A 317 -2.88 25.93 4.85
C LEU A 317 -3.00 27.40 5.25
N PRO A 318 -4.21 27.96 5.14
CA PRO A 318 -4.49 29.35 5.49
C PRO A 318 -4.30 29.58 6.99
N LYS A 319 -3.65 30.68 7.34
CA LYS A 319 -3.41 31.00 8.75
C LYS A 319 -4.71 31.00 9.54
N GLY A 320 -5.59 31.93 9.19
CA GLY A 320 -6.88 32.03 9.87
C GLY A 320 -7.54 30.68 10.08
N PHE A 321 -7.80 29.98 8.98
CA PHE A 321 -8.41 28.66 9.02
C PHE A 321 -7.80 27.78 10.11
N LEU A 322 -6.48 27.82 10.20
CA LEU A 322 -5.75 27.03 11.19
C LEU A 322 -6.31 27.20 12.61
N GLU A 323 -6.35 28.44 13.08
CA GLU A 323 -6.84 28.70 14.43
C GLU A 323 -8.33 29.03 14.54
N ARG A 324 -9.06 28.78 13.46
CA ARG A 324 -10.50 29.02 13.45
C ARG A 324 -11.23 27.70 13.61
N THR A 325 -10.62 26.63 13.14
CA THR A 325 -11.20 25.30 13.23
C THR A 325 -10.53 24.49 14.33
N LYS A 326 -9.60 25.13 15.04
CA LYS A 326 -8.87 24.48 16.12
C LYS A 326 -9.81 24.07 17.26
N THR A 327 -11.11 24.01 16.97
CA THR A 327 -12.10 23.65 17.96
C THR A 327 -13.06 22.57 17.48
N LYS A 328 -13.17 22.39 16.17
CA LYS A 328 -14.07 21.37 15.65
C LYS A 328 -13.33 20.31 14.82
N GLY A 329 -12.02 20.47 14.69
CA GLY A 329 -11.23 19.53 13.92
C GLY A 329 -9.75 19.60 14.28
N LYS A 330 -9.00 18.58 13.87
CA LYS A 330 -7.56 18.53 14.14
C LYS A 330 -6.75 18.34 12.86
N ILE A 331 -5.52 18.80 12.90
CA ILE A 331 -4.62 18.70 11.75
C ILE A 331 -3.22 18.33 12.24
N VAL A 332 -2.77 17.12 11.91
CA VAL A 332 -1.46 16.66 12.34
C VAL A 332 -0.55 16.28 11.20
N ALA A 333 0.75 16.21 11.49
CA ALA A 333 1.76 15.85 10.51
C ALA A 333 1.74 14.33 10.27
N TRP A 334 1.46 13.59 11.33
CA TRP A 334 1.40 12.14 11.26
C TRP A 334 0.41 11.71 12.34
N ALA A 335 -0.56 10.88 11.95
CA ALA A 335 -1.59 10.41 12.87
C ALA A 335 -1.50 8.90 13.15
N PRO A 336 -2.23 8.42 14.17
CA PRO A 336 -2.24 6.99 14.50
C PRO A 336 -3.44 6.42 13.75
N GLN A 337 -3.34 6.44 12.43
CA GLN A 337 -4.40 6.00 11.51
C GLN A 337 -5.10 4.66 11.72
N VAL A 338 -4.34 3.60 11.99
CA VAL A 338 -4.97 2.32 12.19
C VAL A 338 -5.91 2.38 13.39
N GLU A 339 -5.44 2.95 14.50
CA GLU A 339 -6.29 3.07 15.69
C GLU A 339 -7.48 3.98 15.42
N ILE A 340 -7.21 5.16 14.84
CA ILE A 340 -8.26 6.12 14.51
C ILE A 340 -9.35 5.43 13.71
N LEU A 341 -8.94 4.62 12.73
CA LEU A 341 -9.88 3.91 11.88
C LEU A 341 -10.66 2.82 12.61
N LYS A 342 -10.18 2.40 13.79
CA LYS A 342 -10.87 1.39 14.58
C LYS A 342 -11.80 2.05 15.60
N HIS A 343 -11.73 3.38 15.70
CA HIS A 343 -12.56 4.13 16.64
C HIS A 343 -13.99 4.32 16.17
N SER A 344 -14.93 4.11 17.08
CA SER A 344 -16.35 4.26 16.79
C SER A 344 -16.73 5.72 16.48
N SER A 345 -15.87 6.65 16.84
CA SER A 345 -16.16 8.07 16.60
C SER A 345 -16.19 8.41 15.11
N VAL A 346 -15.11 8.04 14.42
CA VAL A 346 -14.96 8.29 12.98
C VAL A 346 -16.10 7.75 12.13
N GLY A 347 -16.59 8.59 11.21
CA GLY A 347 -17.69 8.18 10.36
C GLY A 347 -17.36 8.03 8.88
N VAL A 348 -16.30 8.68 8.41
CA VAL A 348 -15.91 8.58 7.01
C VAL A 348 -14.41 8.78 6.86
N PHE A 349 -13.83 8.08 5.88
CA PHE A 349 -12.40 8.16 5.62
C PHE A 349 -12.13 8.77 4.24
N LEU A 350 -11.66 10.02 4.25
CA LEU A 350 -11.32 10.74 3.02
C LEU A 350 -9.90 10.30 2.72
N THR A 351 -9.77 9.39 1.77
CA THR A 351 -8.46 8.83 1.42
C THR A 351 -8.16 8.81 -0.07
N HIS A 352 -6.90 8.55 -0.39
CA HIS A 352 -6.43 8.47 -1.78
C HIS A 352 -6.49 7.00 -2.20
N SER A 353 -7.09 6.19 -1.33
CA SER A 353 -7.26 4.75 -1.56
C SER A 353 -6.01 3.91 -1.80
N GLY A 354 -4.92 4.27 -1.16
CA GLY A 354 -3.73 3.46 -1.27
C GLY A 354 -4.19 2.14 -0.66
N TRP A 355 -3.59 1.02 -1.04
CA TRP A 355 -4.01 -0.28 -0.53
C TRP A 355 -3.90 -0.43 1.01
N ASN A 356 -2.79 -0.04 1.60
CA ASN A 356 -2.63 -0.18 3.05
C ASN A 356 -3.78 0.52 3.77
N SER A 357 -4.02 1.78 3.43
CA SER A 357 -5.11 2.53 4.06
C SER A 357 -6.43 1.81 3.84
N VAL A 358 -6.59 1.16 2.69
CA VAL A 358 -7.82 0.44 2.40
C VAL A 358 -8.02 -0.78 3.33
N LEU A 359 -6.99 -1.61 3.45
CA LEU A 359 -7.08 -2.76 4.34
C LEU A 359 -7.35 -2.30 5.77
N GLU A 360 -6.75 -1.17 6.16
CA GLU A 360 -6.95 -0.63 7.50
C GLU A 360 -8.38 -0.15 7.72
N CYS A 361 -9.02 0.30 6.65
CA CYS A 361 -10.38 0.78 6.73
C CYS A 361 -11.35 -0.38 6.76
N ILE A 362 -11.04 -1.45 6.03
CA ILE A 362 -11.89 -2.63 6.02
C ILE A 362 -11.90 -3.22 7.43
N VAL A 363 -10.74 -3.24 8.07
CA VAL A 363 -10.63 -3.78 9.42
C VAL A 363 -11.29 -2.88 10.47
N GLY A 364 -11.32 -1.58 10.21
CA GLY A 364 -11.93 -0.65 11.14
C GLY A 364 -13.44 -0.57 10.92
N GLY A 365 -13.89 -0.92 9.72
CA GLY A 365 -15.31 -0.89 9.40
C GLY A 365 -15.86 0.48 9.09
N VAL A 366 -15.03 1.36 8.54
CA VAL A 366 -15.46 2.72 8.22
C VAL A 366 -15.66 2.94 6.72
N PRO A 367 -16.69 3.71 6.35
CA PRO A 367 -16.98 4.01 4.95
C PRO A 367 -15.87 4.88 4.37
N MET A 368 -15.74 4.93 3.05
CA MET A 368 -14.67 5.71 2.43
C MET A 368 -15.01 6.71 1.34
N ILE A 369 -14.24 7.78 1.32
CA ILE A 369 -14.36 8.83 0.31
C ILE A 369 -13.02 8.76 -0.41
N SER A 370 -13.05 8.44 -1.70
CA SER A 370 -11.82 8.33 -2.45
C SER A 370 -11.54 9.34 -3.54
N ARG A 371 -10.37 9.97 -3.43
CA ARG A 371 -9.87 10.95 -4.41
C ARG A 371 -8.53 10.34 -4.81
N PRO A 372 -8.55 9.34 -5.71
CA PRO A 372 -7.30 8.71 -6.15
C PRO A 372 -6.34 9.64 -6.85
N PHE A 373 -5.05 9.40 -6.66
CA PHE A 373 -4.01 10.20 -7.26
C PHE A 373 -3.22 9.41 -8.31
N PHE A 374 -2.33 8.53 -7.84
CA PHE A 374 -1.49 7.73 -8.73
C PHE A 374 -1.59 6.21 -8.53
N GLY A 375 -0.85 5.50 -9.38
CA GLY A 375 -0.80 4.04 -9.34
C GLY A 375 -2.09 3.26 -9.39
N ASP A 376 -2.25 2.36 -8.43
CA ASP A 376 -3.42 1.48 -8.33
C ASP A 376 -4.63 2.14 -7.65
N GLN A 377 -4.46 3.37 -7.18
CA GLN A 377 -5.55 4.06 -6.49
C GLN A 377 -6.83 4.07 -7.33
N GLY A 378 -6.69 4.24 -8.65
CA GLY A 378 -7.86 4.20 -9.51
C GLY A 378 -8.59 2.87 -9.42
N LEU A 379 -7.89 1.77 -9.66
CA LEU A 379 -8.51 0.43 -9.59
C LEU A 379 -9.06 0.16 -8.20
N ASN A 380 -8.37 0.67 -7.18
CA ASN A 380 -8.83 0.47 -5.81
C ASN A 380 -10.16 1.17 -5.58
N THR A 381 -10.31 2.38 -6.14
CA THR A 381 -11.57 3.13 -6.00
C THR A 381 -12.71 2.36 -6.66
N ILE A 382 -12.45 1.80 -7.83
CA ILE A 382 -13.46 1.05 -8.54
C ILE A 382 -13.76 -0.25 -7.80
N LEU A 383 -12.75 -0.78 -7.12
CA LEU A 383 -12.92 -2.01 -6.37
C LEU A 383 -13.81 -1.76 -5.13
N THR A 384 -13.53 -0.68 -4.40
CA THR A 384 -14.32 -0.38 -3.19
C THR A 384 -15.63 0.34 -3.47
N GLU A 385 -15.70 1.04 -4.61
CA GLU A 385 -16.92 1.76 -4.96
C GLU A 385 -17.93 0.90 -5.70
N SER A 386 -17.46 0.09 -6.64
CA SER A 386 -18.35 -0.73 -7.46
C SER A 386 -18.35 -2.24 -7.19
N VAL A 387 -17.32 -2.78 -6.55
CA VAL A 387 -17.32 -4.22 -6.33
C VAL A 387 -17.53 -4.65 -4.87
N LEU A 388 -16.98 -3.86 -3.95
CA LEU A 388 -17.12 -4.14 -2.53
C LEU A 388 -18.25 -3.27 -2.00
N GLU A 389 -18.45 -2.14 -2.65
CA GLU A 389 -19.52 -1.21 -2.30
C GLU A 389 -19.36 -0.64 -0.89
N ILE A 390 -18.12 -0.47 -0.45
CA ILE A 390 -17.87 0.08 0.86
C ILE A 390 -17.35 1.51 0.77
N GLY A 391 -17.51 2.12 -0.39
CA GLY A 391 -17.04 3.48 -0.55
C GLY A 391 -17.55 4.14 -1.83
N VAL A 392 -17.10 5.37 -2.04
CA VAL A 392 -17.46 6.14 -3.22
C VAL A 392 -16.32 7.10 -3.51
N GLY A 393 -16.26 7.57 -4.75
CA GLY A 393 -15.20 8.50 -5.13
C GLY A 393 -15.73 9.89 -5.31
N VAL A 394 -14.90 10.89 -5.03
CA VAL A 394 -15.26 12.28 -5.19
C VAL A 394 -15.49 12.53 -6.67
N ASP A 395 -16.32 13.52 -7.01
CA ASP A 395 -16.59 13.82 -8.40
C ASP A 395 -15.36 14.30 -9.15
N ASN A 396 -15.20 13.78 -10.37
CA ASN A 396 -14.08 14.15 -11.24
C ASN A 396 -12.73 13.71 -10.71
N GLY A 397 -12.72 13.08 -9.53
CA GLY A 397 -11.48 12.63 -8.95
C GLY A 397 -10.64 13.79 -8.45
N VAL A 398 -11.27 14.97 -8.36
CA VAL A 398 -10.61 16.18 -7.87
C VAL A 398 -11.34 16.73 -6.66
N LEU A 399 -10.66 17.56 -5.90
CA LEU A 399 -11.26 18.14 -4.69
C LEU A 399 -11.74 19.57 -4.85
N THR A 400 -13.05 19.70 -5.05
CA THR A 400 -13.70 21.00 -5.19
C THR A 400 -14.77 21.07 -4.11
N LYS A 401 -15.02 22.26 -3.58
CA LYS A 401 -16.03 22.39 -2.53
C LYS A 401 -17.34 21.67 -2.85
N GLU A 402 -17.76 21.69 -4.11
CA GLU A 402 -19.00 21.01 -4.47
C GLU A 402 -18.84 19.50 -4.39
N SER A 403 -17.74 18.99 -4.93
CA SER A 403 -17.52 17.54 -4.90
C SER A 403 -17.33 17.00 -3.46
N ILE A 404 -16.66 17.78 -2.62
CA ILE A 404 -16.42 17.36 -1.23
C ILE A 404 -17.73 17.19 -0.49
N LYS A 405 -18.41 18.31 -0.26
CA LYS A 405 -19.69 18.28 0.45
C LYS A 405 -20.59 17.19 -0.10
N LYS A 406 -20.62 17.04 -1.43
CA LYS A 406 -21.44 16.01 -2.04
C LYS A 406 -21.12 14.64 -1.44
N ALA A 407 -19.83 14.34 -1.34
CA ALA A 407 -19.38 13.06 -0.80
C ALA A 407 -19.67 12.93 0.70
N LEU A 408 -19.26 13.94 1.46
CA LEU A 408 -19.49 13.93 2.91
C LEU A 408 -20.97 13.71 3.18
N GLU A 409 -21.78 14.54 2.57
CA GLU A 409 -23.23 14.45 2.75
C GLU A 409 -23.75 13.07 2.39
N LEU A 410 -23.21 12.48 1.34
CA LEU A 410 -23.66 11.16 0.92
C LEU A 410 -23.29 10.08 1.92
N THR A 411 -22.02 10.06 2.33
CA THR A 411 -21.55 9.06 3.28
C THR A 411 -22.14 9.32 4.66
N MET A 412 -22.20 10.58 5.06
CA MET A 412 -22.74 10.94 6.36
C MET A 412 -24.27 11.02 6.26
N SER A 413 -24.81 10.57 5.13
CA SER A 413 -26.26 10.58 4.89
C SER A 413 -27.02 9.74 5.90
N SER A 414 -28.26 9.42 5.56
CA SER A 414 -29.12 8.64 6.43
C SER A 414 -29.41 7.27 5.80
N GLU A 415 -28.78 6.98 4.66
CA GLU A 415 -28.99 5.70 4.00
C GLU A 415 -27.73 5.07 3.39
N LYS A 416 -27.30 5.59 2.24
CA LYS A 416 -26.12 5.06 1.57
C LYS A 416 -24.92 4.85 2.51
N GLY A 417 -24.57 5.89 3.26
CA GLY A 417 -23.47 5.78 4.20
C GLY A 417 -23.64 4.62 5.15
N GLY A 418 -24.86 4.39 5.62
CA GLY A 418 -25.10 3.30 6.54
C GLY A 418 -24.84 1.95 5.90
N ILE A 419 -25.42 1.76 4.73
CA ILE A 419 -25.28 0.51 3.99
C ILE A 419 -23.79 0.19 3.75
N MET A 420 -23.04 1.18 3.27
CA MET A 420 -21.62 0.98 3.02
C MET A 420 -20.98 0.46 4.32
N ARG A 421 -21.32 1.12 5.42
CA ARG A 421 -20.80 0.74 6.74
C ARG A 421 -21.17 -0.68 7.09
N GLN A 422 -22.33 -1.11 6.61
CA GLN A 422 -22.80 -2.46 6.87
C GLN A 422 -21.97 -3.45 6.05
N LYS A 423 -21.91 -3.19 4.74
CA LYS A 423 -21.16 -4.02 3.80
C LYS A 423 -19.71 -4.20 4.27
N ILE A 424 -19.09 -3.14 4.75
CA ILE A 424 -17.70 -3.23 5.20
C ILE A 424 -17.53 -3.88 6.57
N VAL A 425 -18.64 -4.07 7.29
CA VAL A 425 -18.59 -4.71 8.61
C VAL A 425 -18.54 -6.22 8.38
N LYS A 426 -19.27 -6.67 7.37
CA LYS A 426 -19.29 -8.08 7.04
C LYS A 426 -17.97 -8.48 6.39
N LEU A 427 -17.36 -7.53 5.67
CA LEU A 427 -16.08 -7.79 5.03
C LEU A 427 -15.05 -7.86 6.16
N LYS A 428 -15.20 -6.95 7.12
CA LYS A 428 -14.32 -6.89 8.29
C LYS A 428 -14.38 -8.22 9.01
N GLU A 429 -15.56 -8.81 9.03
CA GLU A 429 -15.75 -10.10 9.68
C GLU A 429 -14.96 -11.22 9.00
N SER A 430 -14.95 -11.21 7.67
CA SER A 430 -14.20 -12.19 6.90
C SER A 430 -12.71 -11.99 7.18
N ALA A 431 -12.30 -10.74 7.27
CA ALA A 431 -10.89 -10.43 7.54
C ALA A 431 -10.41 -11.06 8.86
N PHE A 432 -11.17 -10.84 9.93
CA PHE A 432 -10.82 -11.40 11.23
C PHE A 432 -10.87 -12.94 11.18
N LYS A 433 -11.86 -13.48 10.49
CA LYS A 433 -11.98 -14.94 10.35
C LYS A 433 -10.79 -15.53 9.56
N ALA A 434 -10.41 -14.85 8.49
CA ALA A 434 -9.29 -15.30 7.68
C ALA A 434 -7.98 -15.43 8.48
N VAL A 435 -7.82 -14.67 9.57
CA VAL A 435 -6.57 -14.74 10.33
C VAL A 435 -6.58 -15.69 11.52
N GLU A 436 -7.73 -16.27 11.81
CA GLU A 436 -7.75 -17.25 12.91
C GLU A 436 -6.87 -18.39 12.38
N GLN A 437 -6.25 -19.10 13.30
CA GLN A 437 -5.34 -20.18 12.93
C GLN A 437 -5.97 -21.07 11.88
N ASN A 438 -7.29 -21.12 11.94
CA ASN A 438 -8.12 -21.91 11.07
C ASN A 438 -8.35 -21.33 9.67
N GLY A 439 -8.20 -20.01 9.56
CA GLY A 439 -8.45 -19.32 8.31
C GLY A 439 -7.35 -19.37 7.28
N THR A 440 -7.73 -19.09 6.03
CA THR A 440 -6.79 -19.16 4.92
C THR A 440 -5.58 -18.23 5.03
N SER A 441 -5.73 -17.06 5.64
CA SER A 441 -4.56 -16.17 5.77
C SER A 441 -3.52 -16.69 6.77
N ALA A 442 -3.97 -17.18 7.92
CA ALA A 442 -3.03 -17.72 8.91
C ALA A 442 -2.34 -18.90 8.26
N MET A 443 -3.13 -19.72 7.57
CA MET A 443 -2.58 -20.90 6.92
C MET A 443 -1.60 -20.57 5.79
N ASP A 444 -1.90 -19.58 4.96
CA ASP A 444 -0.94 -19.26 3.89
C ASP A 444 0.32 -18.60 4.51
N PHE A 445 0.12 -17.92 5.63
CA PHE A 445 1.25 -17.29 6.32
C PHE A 445 2.16 -18.37 6.86
N THR A 446 1.55 -19.40 7.46
CA THR A 446 2.32 -20.50 8.02
C THR A 446 3.13 -21.14 6.90
N THR A 447 2.52 -21.32 5.73
CA THR A 447 3.24 -21.90 4.59
C THR A 447 4.40 -20.96 4.19
N LEU A 448 4.13 -19.67 4.12
CA LEU A 448 5.16 -18.67 3.78
C LEU A 448 6.37 -18.85 4.70
N ILE A 449 6.12 -18.88 6.01
CA ILE A 449 7.19 -19.08 6.99
C ILE A 449 8.01 -20.33 6.65
N GLN A 450 7.30 -21.43 6.37
CA GLN A 450 7.96 -22.68 6.03
C GLN A 450 8.91 -22.58 4.84
N ILE A 451 8.44 -21.96 3.77
CA ILE A 451 9.24 -21.78 2.56
C ILE A 451 10.45 -20.89 2.82
N VAL A 452 10.20 -19.76 3.47
CA VAL A 452 11.26 -18.79 3.75
C VAL A 452 12.32 -19.30 4.71
N THR A 453 11.91 -20.15 5.64
CA THR A 453 12.84 -20.67 6.62
C THR A 453 13.27 -22.13 6.44
N SER A 454 13.39 -22.57 5.19
CA SER A 454 13.84 -23.93 4.91
C SER A 454 14.73 -23.87 3.68
#